data_3RIQ
#
_entry.id   3RIQ
#
_cell.length_a   149.132
_cell.length_b   149.132
_cell.length_c   149.132
_cell.angle_alpha   90.00
_cell.angle_beta   90.00
_cell.angle_gamma   90.00
#
_symmetry.space_group_name_H-M   'I 21 3'
#
loop_
_entity.id
_entity.type
_entity.pdbx_description
1 polymer 'Tailspike protein'
2 non-polymer GLYCEROL
3 water water
#
_entity_poly.entity_id   1
_entity_poly.type   'polypeptide(L)'
_entity_poly.pdbx_seq_one_letter_code
;AVFRSEADKKFKYSVKLSDYMTLQEAATAAVDSLLIDIDYNFIDGEAVDFGGKVLTIECKAKFIGDGVLNWNNLGSGSKV
ISPHMHTKTTPYTVYRFDDNGNWVTNPTTVLASVAQRLDKGYKPNVNDHDIWASLPDNVKNQVAGATLRVNSANNIIFTH
PEATMGGYLFTLCNHILVESPRNFIAWESGITFENHHTTAWGTGNKVVGGEIKYGSGSAVLFIRNDGGDDHDGGVRDLIS
YRVGESGVKTYQNEIGGRSARNYRLVFDNITTIQCYYDGIDVNADTGSPTERVDDYTLAEYPWFQLPTQHIIRNIITRDC
MGIGAWWDGQKNIIDNVVTYEAHKEGMFDRGTNNDITNITVVCANKDLTNLNQIVCEGGSRLRGIMVHAYTTQGYAVYAP
SSEVSNVSCAGSGTKKILCTYVADIQGGNINVQHGENAMTLSMRPAMGGTINPSLVLTADCQVASPGNEASIVKLSAIQD
GARVGELQLNRLGFKHMSIPVAESQLPESALEFNSSIGFFFGTDDELRILAKKPDGTFVTYSL
;
_entity_poly.pdbx_strand_id   A
#
loop_
_chem_comp.id
_chem_comp.type
_chem_comp.name
_chem_comp.formula
GOL non-polymer GLYCEROL 'C3 H8 O3'
#
# COMPACT_ATOMS: atom_id res chain seq x y z
N PHE A 3 55.04 23.39 -1.67
CA PHE A 3 55.77 23.14 -0.38
C PHE A 3 54.81 22.67 0.73
N ARG A 4 55.20 21.57 1.38
CA ARG A 4 54.49 21.03 2.55
C ARG A 4 55.51 20.90 3.68
N SER A 5 55.22 21.53 4.81
CA SER A 5 56.08 21.45 6.01
C SER A 5 55.93 20.09 6.66
N GLU A 6 56.74 19.83 7.68
CA GLU A 6 56.63 18.57 8.40
C GLU A 6 55.29 18.40 9.10
N ALA A 7 54.72 19.48 9.66
CA ALA A 7 53.40 19.35 10.27
C ALA A 7 52.36 18.96 9.22
N ASP A 8 52.48 19.56 8.03
CA ASP A 8 51.55 19.26 6.93
C ASP A 8 51.54 17.77 6.60
N LYS A 9 52.65 17.08 6.83
CA LYS A 9 52.74 15.66 6.49
C LYS A 9 52.26 14.72 7.59
N LYS A 10 52.02 15.23 8.78
CA LYS A 10 51.63 14.32 9.86
C LYS A 10 50.24 14.55 10.44
N PHE A 11 49.59 15.65 10.10
CA PHE A 11 48.28 15.97 10.71
C PHE A 11 47.15 16.03 9.67
N LYS A 12 45.97 15.62 10.11
CA LYS A 12 44.78 15.64 9.27
C LYS A 12 44.32 17.07 8.94
N TYR A 13 44.04 17.36 7.67
CA TYR A 13 43.50 18.66 7.27
C TYR A 13 42.03 18.79 7.58
N SER A 14 41.71 19.83 8.34
CA SER A 14 40.32 20.19 8.62
C SER A 14 40.25 21.69 8.80
N VAL A 15 39.21 22.28 8.23
CA VAL A 15 38.89 23.67 8.53
C VAL A 15 37.58 23.70 9.29
N LYS A 16 37.35 24.75 10.07
CA LYS A 16 36.11 24.82 10.86
C LYS A 16 35.37 26.11 10.58
N LEU A 17 34.04 26.00 10.54
CA LEU A 17 33.22 27.14 10.18
C LEU A 17 33.46 28.36 11.05
N SER A 18 33.71 28.16 12.35
CA SER A 18 33.87 29.29 13.27
C SER A 18 35.08 30.18 12.94
N ASP A 19 35.97 29.72 12.05
CA ASP A 19 37.11 30.53 11.62
C ASP A 19 36.75 31.52 10.47
N TYR A 20 35.52 31.45 9.98
CA TYR A 20 35.08 32.21 8.78
C TYR A 20 33.75 32.94 9.03
N MET A 21 33.45 33.89 8.15
CA MET A 21 32.14 34.54 8.22
C MET A 21 31.06 33.75 7.51
N THR A 22 31.43 33.08 6.41
CA THR A 22 30.44 32.39 5.57
C THR A 22 30.84 30.94 5.36
N LEU A 23 29.85 30.13 4.98
CA LEU A 23 30.08 28.76 4.59
C LEU A 23 30.93 28.66 3.31
N GLN A 24 30.74 29.59 2.38
CA GLN A 24 31.59 29.62 1.18
C GLN A 24 33.07 29.85 1.54
N GLU A 25 33.34 30.78 2.45
CA GLU A 25 34.75 30.99 2.84
C GLU A 25 35.36 29.72 3.43
N ALA A 26 34.58 29.00 4.24
CA ALA A 26 35.04 27.73 4.83
C ALA A 26 35.25 26.66 3.74
N ALA A 27 34.31 26.57 2.80
CA ALA A 27 34.41 25.60 1.71
C ALA A 27 35.64 25.87 0.84
N THR A 28 35.89 27.16 0.53
CA THR A 28 37.07 27.54 -0.24
C THR A 28 38.37 27.09 0.44
N ALA A 29 38.43 27.27 1.76
CA ALA A 29 39.65 26.93 2.52
C ALA A 29 39.82 25.41 2.65
N ALA A 30 38.71 24.65 2.60
CA ALA A 30 38.74 23.22 2.89
C ALA A 30 39.56 22.42 1.90
N VAL A 31 40.22 21.38 2.41
CA VAL A 31 41.00 20.44 1.59
C VAL A 31 40.51 19.00 1.73
N ASP A 32 40.30 18.59 2.98
CA ASP A 32 39.93 17.19 3.30
C ASP A 32 38.62 17.25 4.12
N SER A 33 38.69 17.76 5.34
CA SER A 33 37.51 17.85 6.19
CA SER A 33 37.54 17.85 6.24
C SER A 33 37.05 19.29 6.45
N LEU A 34 35.75 19.44 6.69
CA LEU A 34 35.09 20.71 6.94
C LEU A 34 34.21 20.48 8.17
N LEU A 35 34.54 21.12 9.27
CA LEU A 35 33.79 20.94 10.53
C LEU A 35 32.77 22.06 10.70
N ILE A 36 31.50 21.70 10.87
CA ILE A 36 30.46 22.72 11.18
C ILE A 36 30.35 22.76 12.69
N ASP A 37 31.13 23.65 13.32
CA ASP A 37 31.24 23.68 14.79
C ASP A 37 30.35 24.72 15.47
N ILE A 38 29.66 25.56 14.69
CA ILE A 38 28.75 26.56 15.25
CA ILE A 38 28.80 26.64 15.20
C ILE A 38 27.55 26.66 14.32
N ASP A 39 26.39 27.02 14.89
CA ASP A 39 25.18 27.14 14.07
C ASP A 39 25.41 28.18 12.97
N TYR A 40 24.84 27.95 11.80
CA TYR A 40 25.03 28.81 10.66
C TYR A 40 23.70 29.32 10.16
N ASN A 41 23.56 30.64 10.14
CA ASN A 41 22.34 31.29 9.66
C ASN A 41 22.49 31.65 8.20
N PHE A 42 21.85 30.84 7.35
CA PHE A 42 21.92 31.06 5.89
C PHE A 42 20.80 31.93 5.39
N ILE A 43 21.03 32.51 4.23
CA ILE A 43 20.02 33.40 3.60
C ILE A 43 19.39 32.62 2.45
N ASP A 44 18.08 32.81 2.23
CA ASP A 44 17.38 32.13 1.15
C ASP A 44 18.06 32.39 -0.20
N GLY A 45 18.50 31.31 -0.87
CA GLY A 45 19.15 31.41 -2.15
C GLY A 45 20.66 31.40 -2.06
N GLU A 46 21.19 31.34 -0.85
CA GLU A 46 22.64 31.26 -0.65
C GLU A 46 23.20 30.05 -1.39
N ALA A 47 24.42 30.18 -1.91
CA ALA A 47 25.06 29.09 -2.61
C ALA A 47 26.46 28.87 -2.06
N VAL A 48 26.88 27.61 -2.06
CA VAL A 48 28.22 27.20 -1.63
C VAL A 48 28.81 26.37 -2.75
N ASP A 49 29.96 26.84 -3.26
CA ASP A 49 30.68 26.14 -4.33
C ASP A 49 31.85 25.38 -3.70
N PHE A 50 31.78 24.04 -3.75
CA PHE A 50 32.79 23.17 -3.11
C PHE A 50 33.95 22.81 -4.02
N GLY A 51 33.96 23.36 -5.23
CA GLY A 51 35.12 23.28 -6.12
C GLY A 51 35.51 21.89 -6.58
N GLY A 52 34.55 20.95 -6.58
CA GLY A 52 34.81 19.58 -6.97
C GLY A 52 35.55 18.79 -5.93
N LYS A 53 35.74 19.36 -4.75
CA LYS A 53 36.56 18.67 -3.73
C LYS A 53 35.81 17.50 -3.09
N VAL A 54 36.57 16.48 -2.73
CA VAL A 54 36.04 15.27 -2.08
C VAL A 54 36.11 15.50 -0.57
N LEU A 55 35.03 16.03 -0.02
CA LEU A 55 35.07 16.49 1.37
C LEU A 55 34.36 15.60 2.34
N THR A 56 34.85 15.58 3.57
CA THR A 56 34.11 15.05 4.70
C THR A 56 33.52 16.24 5.42
N ILE A 57 32.19 16.39 5.38
CA ILE A 57 31.53 17.57 6.02
C ILE A 57 30.94 17.08 7.35
N GLU A 58 31.64 17.39 8.43
CA GLU A 58 31.31 16.83 9.75
C GLU A 58 30.44 17.84 10.48
N CYS A 59 29.15 17.55 10.66
CA CYS A 59 28.24 18.56 11.24
C CYS A 59 28.04 18.37 12.73
N LYS A 60 28.39 19.42 13.49
CA LYS A 60 28.19 19.41 14.95
C LYS A 60 27.35 20.61 15.38
N ALA A 61 26.56 21.12 14.45
CA ALA A 61 25.69 22.27 14.69
C ALA A 61 24.70 22.34 13.52
N LYS A 62 23.81 23.33 13.50
CA LYS A 62 22.70 23.34 12.56
C LYS A 62 22.86 24.38 11.46
N PHE A 63 22.26 24.10 10.31
CA PHE A 63 22.02 25.13 9.28
C PHE A 63 20.61 25.71 9.48
N ILE A 64 20.53 27.01 9.77
CA ILE A 64 19.29 27.65 10.16
C ILE A 64 18.88 28.70 9.14
N GLY A 65 17.66 28.61 8.60
CA GLY A 65 17.23 29.62 7.62
C GLY A 65 15.80 29.37 7.21
N ASP A 66 15.21 30.36 6.54
CA ASP A 66 13.96 30.19 5.82
C ASP A 66 14.29 30.19 4.33
N GLY A 67 13.94 29.13 3.62
CA GLY A 67 14.25 29.03 2.20
C GLY A 67 15.34 27.99 1.92
N VAL A 68 16.09 28.22 0.85
CA VAL A 68 17.00 27.21 0.32
C VAL A 68 18.48 27.57 0.51
N LEU A 69 19.26 26.57 0.89
CA LEU A 69 20.75 26.66 0.89
C LEU A 69 21.24 25.71 -0.22
N ASN A 70 21.87 26.24 -1.26
CA ASN A 70 22.38 25.43 -2.41
C ASN A 70 23.81 24.98 -2.19
N TRP A 71 24.05 23.69 -2.39
CA TRP A 71 25.40 23.12 -2.36
C TRP A 71 25.76 22.64 -3.75
N ASN A 72 26.78 23.28 -4.32
CA ASN A 72 27.16 23.08 -5.73
C ASN A 72 28.58 22.54 -5.82
N ASN A 73 28.83 21.76 -6.86
CA ASN A 73 30.16 21.19 -7.12
C ASN A 73 30.75 20.40 -5.96
N LEU A 74 29.93 19.64 -5.27
CA LEU A 74 30.46 18.78 -4.23
C LEU A 74 31.05 17.57 -4.91
N GLY A 75 32.30 17.23 -4.60
CA GLY A 75 33.01 16.18 -5.34
C GLY A 75 32.44 14.78 -5.10
N SER A 76 32.45 13.95 -6.15
CA SER A 76 32.02 12.54 -6.01
C SER A 76 32.84 11.81 -4.95
N GLY A 77 32.14 11.07 -4.06
CA GLY A 77 32.79 10.39 -2.96
C GLY A 77 32.77 11.16 -1.65
N SER A 78 32.24 12.39 -1.65
CA SER A 78 32.07 13.16 -0.40
C SER A 78 31.07 12.48 0.55
N LYS A 79 31.21 12.82 1.83
CA LYS A 79 30.28 12.33 2.84
C LYS A 79 29.83 13.50 3.71
N VAL A 80 28.55 13.54 4.06
CA VAL A 80 27.99 14.61 4.88
C VAL A 80 27.42 13.95 6.14
N ILE A 81 28.00 14.31 7.28
CA ILE A 81 27.79 13.56 8.53
C ILE A 81 26.91 14.37 9.49
N SER A 82 25.73 13.81 9.76
CA SER A 82 24.76 14.40 10.69
C SER A 82 24.39 15.86 10.45
N PRO A 83 24.08 16.25 9.23
CA PRO A 83 23.59 17.61 9.08
C PRO A 83 22.21 17.78 9.68
N HIS A 84 21.86 19.03 9.97
CA HIS A 84 20.55 19.36 10.54
C HIS A 84 20.02 20.66 9.92
N MET A 85 18.93 20.56 9.17
CA MET A 85 18.27 21.71 8.57
C MET A 85 17.15 22.20 9.49
N HIS A 86 17.28 23.42 10.01
CA HIS A 86 16.32 23.98 10.96
C HIS A 86 15.70 25.28 10.43
N THR A 87 14.38 25.37 10.42
CA THR A 87 13.71 26.61 10.06
C THR A 87 14.18 27.81 10.90
N LYS A 88 14.13 29.01 10.32
CA LYS A 88 14.37 30.22 11.12
C LYS A 88 13.05 30.68 11.78
N THR A 89 12.03 30.85 10.97
CA THR A 89 10.69 31.23 11.43
C THR A 89 9.90 29.99 11.84
N THR A 90 9.19 30.06 12.97
CA THR A 90 8.36 28.96 13.42
C THR A 90 7.07 28.95 12.57
N PRO A 91 6.79 27.84 11.87
CA PRO A 91 5.65 27.85 10.98
C PRO A 91 4.34 27.58 11.71
N TYR A 92 3.24 28.11 11.18
CA TYR A 92 1.91 27.59 11.53
C TYR A 92 1.78 26.19 10.94
N THR A 93 1.36 25.23 11.77
CA THR A 93 1.10 23.89 11.27
C THR A 93 -0.30 23.45 11.59
N VAL A 94 -0.84 22.58 10.73
CA VAL A 94 -2.13 21.87 11.02
C VAL A 94 -1.83 20.55 11.74
N TYR A 95 -2.57 20.26 12.83
CA TYR A 95 -2.35 19.06 13.62
C TYR A 95 -3.63 18.26 13.64
N ARG A 96 -3.64 17.14 12.93
CA ARG A 96 -4.93 16.45 12.65
C ARG A 96 -5.29 15.34 13.65
N PHE A 97 -4.78 15.43 14.87
CA PHE A 97 -4.92 14.35 15.87
C PHE A 97 -5.39 14.86 17.22
N ASP A 98 -6.13 14.02 17.92
CA ASP A 98 -6.62 14.38 19.27
C ASP A 98 -5.66 13.86 20.33
N ASP A 99 -6.06 14.01 21.59
CA ASP A 99 -5.22 13.65 22.72
C ASP A 99 -5.02 12.14 22.87
N ASN A 100 -5.80 11.34 22.16
CA ASN A 100 -5.59 9.88 22.13
C ASN A 100 -4.79 9.45 20.91
N GLY A 101 -4.36 10.41 20.09
CA GLY A 101 -3.64 10.08 18.86
C GLY A 101 -4.54 9.58 17.73
N ASN A 102 -5.84 9.89 17.81
CA ASN A 102 -6.80 9.54 16.73
C ASN A 102 -7.08 10.71 15.79
N TRP A 103 -7.47 10.40 14.55
CA TRP A 103 -7.79 11.47 13.58
C TRP A 103 -8.88 12.38 14.09
N VAL A 104 -8.68 13.67 13.82
CA VAL A 104 -9.70 14.71 13.97
C VAL A 104 -10.10 15.12 12.55
N THR A 105 -11.38 15.03 12.21
CA THR A 105 -11.79 15.32 10.83
C THR A 105 -12.82 16.45 10.70
N ASN A 106 -13.50 16.82 11.79
CA ASN A 106 -14.39 17.96 11.81
C ASN A 106 -13.61 19.19 11.32
N PRO A 107 -13.99 19.76 10.15
CA PRO A 107 -13.16 20.85 9.58
C PRO A 107 -13.00 22.06 10.48
N THR A 108 -13.99 22.33 11.34
CA THR A 108 -13.89 23.43 12.31
C THR A 108 -12.79 23.16 13.34
N THR A 109 -12.74 21.94 13.86
CA THR A 109 -11.72 21.53 14.81
C THR A 109 -10.32 21.48 14.17
N VAL A 110 -10.26 21.02 12.92
CA VAL A 110 -8.99 21.00 12.17
C VAL A 110 -8.47 22.44 11.98
N LEU A 111 -9.34 23.32 11.51
CA LEU A 111 -8.96 24.74 11.39
C LEU A 111 -8.42 25.32 12.70
N ALA A 112 -9.08 25.01 13.82
CA ALA A 112 -8.65 25.49 15.15
C ALA A 112 -7.31 24.89 15.65
N SER A 113 -6.84 23.81 15.01
CA SER A 113 -5.56 23.22 15.37
C SER A 113 -4.39 23.98 14.77
N VAL A 114 -4.66 24.91 13.85
CA VAL A 114 -3.56 25.63 13.18
C VAL A 114 -2.89 26.63 14.14
N ALA A 115 -1.60 26.41 14.40
CA ALA A 115 -0.84 27.11 15.43
C ALA A 115 0.64 27.01 15.12
N GLN A 116 1.41 27.98 15.57
CA GLN A 116 2.88 27.92 15.42
C GLN A 116 3.51 26.79 16.25
N ARG A 117 4.22 25.90 15.56
CA ARG A 117 4.86 24.77 16.23
C ARG A 117 6.17 24.46 15.54
N LEU A 118 7.12 24.02 16.33
CA LEU A 118 8.36 23.45 15.77
C LEU A 118 8.40 21.92 15.86
N ASP A 119 7.47 21.33 16.62
CA ASP A 119 7.60 19.90 16.97
C ASP A 119 6.70 18.94 16.17
N LYS A 120 5.55 19.41 15.70
CA LYS A 120 4.58 18.46 15.11
C LYS A 120 3.59 19.23 14.21
N GLY A 121 2.77 18.49 13.49
CA GLY A 121 1.93 19.06 12.44
C GLY A 121 2.76 19.43 11.22
N TYR A 122 2.08 19.78 10.14
CA TYR A 122 2.75 20.23 8.91
C TYR A 122 2.09 21.50 8.38
N LYS A 123 2.79 22.22 7.51
CA LYS A 123 2.23 23.46 6.97
C LYS A 123 0.99 23.22 6.08
N PRO A 124 -0.09 23.94 6.34
CA PRO A 124 -1.27 23.80 5.51
C PRO A 124 -1.01 24.14 4.07
N ASN A 125 -1.65 23.41 3.17
CA ASN A 125 -1.41 23.54 1.73
C ASN A 125 -2.62 23.09 0.91
N VAL A 126 -2.49 23.08 -0.42
CA VAL A 126 -3.60 22.84 -1.34
C VAL A 126 -4.25 21.46 -1.23
N ASN A 127 -3.47 20.46 -0.82
CA ASN A 127 -4.00 19.12 -0.66
C ASN A 127 -4.90 19.01 0.59
N ASP A 128 -4.94 20.09 1.38
CA ASP A 128 -5.78 20.13 2.60
C ASP A 128 -7.14 20.72 2.26
N HIS A 129 -7.90 19.92 1.51
CA HIS A 129 -9.15 20.37 0.89
C HIS A 129 -10.17 20.85 1.92
N ASP A 130 -10.12 20.28 3.13
CA ASP A 130 -11.06 20.64 4.20
C ASP A 130 -10.89 22.06 4.80
N ILE A 131 -9.67 22.60 4.78
CA ILE A 131 -9.41 23.91 5.42
C ILE A 131 -8.77 24.99 4.52
N TRP A 132 -8.26 24.59 3.35
CA TRP A 132 -7.44 25.47 2.48
C TRP A 132 -8.15 26.81 2.20
N ALA A 133 -9.39 26.73 1.76
CA ALA A 133 -10.19 27.92 1.48
C ALA A 133 -10.51 28.81 2.71
N SER A 134 -10.37 28.27 3.93
CA SER A 134 -10.70 29.02 5.16
C SER A 134 -9.53 29.69 5.86
N LEU A 135 -8.34 29.59 5.28
CA LEU A 135 -7.14 30.11 5.96
C LEU A 135 -6.84 31.61 5.79
N PRO A 136 -6.62 32.33 6.92
CA PRO A 136 -6.29 33.78 6.98
C PRO A 136 -4.91 34.04 6.45
N ASP A 137 -4.72 35.20 5.82
CA ASP A 137 -3.55 35.49 4.95
C ASP A 137 -2.17 35.21 5.52
N ASN A 138 -1.97 35.57 6.79
CA ASN A 138 -0.66 35.37 7.42
C ASN A 138 -0.21 33.91 7.31
N VAL A 139 -1.17 32.99 7.40
CA VAL A 139 -0.92 31.53 7.32
C VAL A 139 -0.63 31.04 5.90
N LYS A 140 -1.50 31.29 4.95
CA LYS A 140 -1.23 30.84 3.57
C LYS A 140 0.07 31.45 3.05
N ASN A 141 0.37 32.68 3.46
CA ASN A 141 1.54 33.41 2.95
C ASN A 141 2.80 33.32 3.81
N GLN A 142 2.80 32.42 4.78
CA GLN A 142 3.94 32.30 5.69
C GLN A 142 5.22 31.88 4.96
N VAL A 143 6.36 32.40 5.44
CA VAL A 143 7.71 32.11 4.92
C VAL A 143 8.51 31.41 6.01
N ALA A 144 8.85 30.14 5.77
CA ALA A 144 9.46 29.31 6.80
C ALA A 144 10.01 28.08 6.09
N GLY A 145 10.73 27.24 6.84
CA GLY A 145 11.21 25.94 6.34
C GLY A 145 12.61 26.05 5.76
N ALA A 146 13.47 25.10 6.11
CA ALA A 146 14.88 25.10 5.70
C ALA A 146 15.13 23.90 4.80
N THR A 147 15.48 24.16 3.54
CA THR A 147 15.79 23.09 2.57
C THR A 147 17.23 23.18 2.11
N LEU A 148 17.93 22.06 2.20
CA LEU A 148 19.26 21.92 1.57
C LEU A 148 19.01 21.40 0.16
N ARG A 149 19.53 22.10 -0.84
CA ARG A 149 19.44 21.64 -2.23
C ARG A 149 20.85 21.32 -2.71
N VAL A 150 21.10 20.03 -2.93
CA VAL A 150 22.40 19.56 -3.43
C VAL A 150 22.24 19.40 -4.94
N ASN A 151 23.00 20.17 -5.72
CA ASN A 151 22.82 20.20 -7.17
C ASN A 151 23.91 19.44 -7.92
N SER A 152 23.49 18.55 -8.82
CA SER A 152 24.37 17.86 -9.76
C SER A 152 25.59 17.26 -9.06
N ALA A 153 25.33 16.44 -8.04
CA ALA A 153 26.39 15.68 -7.36
C ALA A 153 26.15 14.19 -7.58
N ASN A 154 27.25 13.43 -7.68
CA ASN A 154 27.19 12.00 -7.85
C ASN A 154 27.93 11.34 -6.71
N ASN A 155 27.35 10.26 -6.20
CA ASN A 155 28.06 9.39 -5.25
C ASN A 155 28.39 10.10 -3.93
N ILE A 156 27.36 10.56 -3.25
CA ILE A 156 27.49 11.27 -1.95
C ILE A 156 26.75 10.48 -0.92
N ILE A 157 27.37 10.31 0.25
CA ILE A 157 26.67 9.62 1.34
C ILE A 157 26.31 10.62 2.43
N PHE A 158 25.05 10.64 2.84
CA PHE A 158 24.60 11.41 4.00
C PHE A 158 24.34 10.42 5.12
N THR A 159 24.91 10.63 6.28
CA THR A 159 24.63 9.79 7.43
C THR A 159 23.89 10.52 8.54
N HIS A 160 22.82 9.88 8.98
CA HIS A 160 22.02 10.41 10.09
C HIS A 160 21.58 11.85 9.96
N PRO A 161 21.05 12.23 8.79
CA PRO A 161 20.57 13.60 8.68
C PRO A 161 19.37 13.88 9.54
N GLU A 162 19.27 15.12 10.01
CA GLU A 162 18.18 15.57 10.87
C GLU A 162 17.49 16.80 10.27
N ALA A 163 16.35 17.18 10.84
CA ALA A 163 15.66 18.41 10.38
C ALA A 163 14.65 18.86 11.42
N THR A 164 14.43 20.15 11.49
CA THR A 164 13.35 20.71 12.30
C THR A 164 12.61 21.67 11.39
N MET A 165 11.51 21.18 10.81
CA MET A 165 10.79 21.88 9.76
C MET A 165 11.77 22.18 8.61
N GLY A 166 12.37 21.12 8.07
CA GLY A 166 13.38 21.23 7.04
C GLY A 166 13.42 19.93 6.24
N GLY A 167 14.26 19.91 5.24
CA GLY A 167 14.42 18.73 4.41
C GLY A 167 15.54 18.84 3.43
N TYR A 168 15.65 17.83 2.57
CA TYR A 168 16.78 17.65 1.68
C TYR A 168 16.28 17.40 0.28
N LEU A 169 16.79 18.23 -0.64
CA LEU A 169 16.40 18.14 -2.07
C LEU A 169 17.66 17.86 -2.90
N PHE A 170 17.68 16.75 -3.63
CA PHE A 170 18.82 16.38 -4.48
C PHE A 170 18.35 16.57 -5.91
N THR A 171 18.99 17.50 -6.60
CA THR A 171 18.61 17.88 -7.98
C THR A 171 19.65 17.38 -8.96
N LEU A 172 19.22 16.55 -9.92
CA LEU A 172 20.14 15.97 -10.94
C LEU A 172 21.32 15.20 -10.31
N CYS A 173 21.02 14.46 -9.24
CA CYS A 173 22.02 13.67 -8.57
C CYS A 173 21.87 12.20 -8.92
N ASN A 174 22.96 11.45 -8.70
CA ASN A 174 22.92 9.98 -8.86
C ASN A 174 23.74 9.35 -7.74
N HIS A 175 23.40 8.12 -7.39
CA HIS A 175 24.11 7.37 -6.35
C HIS A 175 24.23 8.18 -5.06
N ILE A 176 23.14 8.87 -4.72
CA ILE A 176 23.05 9.45 -3.37
C ILE A 176 22.53 8.37 -2.42
N LEU A 177 23.28 8.12 -1.34
CA LEU A 177 22.80 7.21 -0.28
C LEU A 177 22.53 8.00 0.97
N VAL A 178 21.29 7.98 1.45
CA VAL A 178 20.94 8.63 2.71
C VAL A 178 20.67 7.57 3.76
N GLU A 179 21.53 7.47 4.76
CA GLU A 179 21.38 6.46 5.81
C GLU A 179 20.74 7.05 7.05
N SER A 180 19.68 6.39 7.50
CA SER A 180 19.11 6.65 8.83
CA SER A 180 19.09 6.65 8.83
C SER A 180 18.76 8.12 9.15
N PRO A 181 17.90 8.75 8.32
CA PRO A 181 17.36 10.04 8.80
C PRO A 181 16.77 9.84 10.20
N ARG A 182 16.95 10.84 11.07
CA ARG A 182 16.48 10.71 12.46
C ARG A 182 16.40 12.09 13.08
N ASN A 183 15.65 12.23 14.19
CA ASN A 183 15.32 13.57 14.68
C ASN A 183 14.88 14.46 13.51
N PHE A 184 13.97 13.94 12.70
CA PHE A 184 13.70 14.50 11.37
C PHE A 184 12.21 14.90 11.26
N ILE A 185 11.95 16.19 11.47
CA ILE A 185 10.61 16.77 11.31
C ILE A 185 10.66 17.50 9.97
N ALA A 186 9.99 16.94 8.95
CA ALA A 186 10.10 17.43 7.58
C ALA A 186 9.35 18.74 7.35
N TRP A 187 9.67 19.42 6.25
CA TRP A 187 8.95 20.64 5.87
C TRP A 187 7.93 20.34 4.73
N GLU A 188 8.44 19.85 3.60
CA GLU A 188 7.63 19.42 2.47
C GLU A 188 7.80 17.89 2.37
N SER A 189 8.30 17.37 1.26
CA SER A 189 8.74 15.97 1.27
C SER A 189 10.07 15.90 2.03
N GLY A 190 10.29 14.83 2.78
CA GLY A 190 11.53 14.79 3.61
C GLY A 190 12.81 14.71 2.79
N ILE A 191 12.88 13.71 1.91
CA ILE A 191 14.01 13.57 1.01
C ILE A 191 13.46 13.46 -0.39
N THR A 192 13.94 14.28 -1.31
CA THR A 192 13.45 14.23 -2.70
C THR A 192 14.60 14.04 -3.67
N PHE A 193 14.44 13.11 -4.61
CA PHE A 193 15.41 12.95 -5.69
C PHE A 193 14.77 13.47 -6.97
N GLU A 194 15.16 14.70 -7.35
CA GLU A 194 14.48 15.45 -8.42
C GLU A 194 15.33 15.41 -9.69
N ASN A 195 14.93 14.59 -10.68
CA ASN A 195 15.75 14.40 -11.89
C ASN A 195 15.06 14.74 -13.20
N HIS A 196 13.98 15.52 -13.17
CA HIS A 196 13.26 15.78 -14.41
C HIS A 196 13.86 16.90 -15.29
N HIS A 197 14.89 17.60 -14.83
CA HIS A 197 15.45 18.71 -15.62
C HIS A 197 16.15 18.26 -16.88
N THR A 198 16.51 16.97 -17.01
CA THR A 198 17.05 16.48 -18.28
C THR A 198 16.36 15.19 -18.71
N THR A 199 16.62 14.71 -19.92
CA THR A 199 16.06 13.42 -20.36
C THR A 199 16.74 12.20 -19.73
N ALA A 200 17.90 12.36 -19.08
CA ALA A 200 18.48 11.23 -18.33
C ALA A 200 17.54 10.84 -17.17
N TRP A 201 17.74 9.64 -16.64
CA TRP A 201 16.99 9.13 -15.47
C TRP A 201 17.94 9.06 -14.30
N GLY A 202 17.55 9.65 -13.18
CA GLY A 202 18.37 9.52 -11.94
C GLY A 202 18.47 8.07 -11.51
N THR A 203 19.60 7.65 -10.97
CA THR A 203 19.75 6.26 -10.56
C THR A 203 20.62 6.10 -9.34
N GLY A 204 20.45 4.97 -8.62
CA GLY A 204 21.25 4.71 -7.44
C GLY A 204 20.90 5.53 -6.21
N ASN A 205 19.80 6.30 -6.27
CA ASN A 205 19.43 7.22 -5.20
C ASN A 205 18.54 6.45 -4.23
N LYS A 206 18.94 6.40 -2.98
CA LYS A 206 18.28 5.52 -2.00
CA LYS A 206 18.17 5.61 -2.02
C LYS A 206 18.28 6.09 -0.58
N VAL A 207 17.25 5.75 0.17
CA VAL A 207 17.22 6.01 1.61
C VAL A 207 17.18 4.65 2.30
N VAL A 208 18.02 4.47 3.34
CA VAL A 208 18.04 3.19 4.10
C VAL A 208 18.06 3.50 5.59
N GLY A 209 17.04 3.03 6.32
CA GLY A 209 17.04 3.21 7.78
C GLY A 209 16.27 4.44 8.21
N GLY A 210 15.98 4.52 9.52
CA GLY A 210 15.53 5.75 10.13
C GLY A 210 14.04 6.03 10.11
N GLU A 211 13.72 7.28 10.33
CA GLU A 211 12.34 7.75 10.51
C GLU A 211 12.22 9.20 10.09
N ILE A 212 11.18 9.49 9.32
CA ILE A 212 10.87 10.86 8.89
C ILE A 212 9.45 11.15 9.36
N LYS A 213 9.24 12.34 9.95
CA LYS A 213 8.00 12.71 10.61
C LYS A 213 7.41 13.98 10.02
N TYR A 214 6.09 13.99 9.84
CA TYR A 214 5.38 15.20 9.35
C TYR A 214 5.91 15.70 7.99
N GLY A 215 5.93 17.02 7.78
CA GLY A 215 6.09 17.57 6.43
C GLY A 215 4.81 17.53 5.64
N SER A 216 4.63 18.50 4.75
CA SER A 216 3.38 18.53 3.96
C SER A 216 3.37 17.51 2.83
N GLY A 217 4.53 16.92 2.53
CA GLY A 217 4.70 16.03 1.37
C GLY A 217 4.78 14.56 1.76
N SER A 218 5.65 13.82 1.05
CA SER A 218 5.82 12.40 1.27
C SER A 218 7.19 12.19 1.90
N ALA A 219 7.39 11.14 2.71
CA ALA A 219 8.66 11.08 3.43
C ALA A 219 9.85 11.05 2.45
N VAL A 220 9.71 10.24 1.40
CA VAL A 220 10.70 10.20 0.32
C VAL A 220 9.94 10.30 -0.97
N LEU A 221 10.46 11.14 -1.90
CA LEU A 221 9.79 11.40 -3.18
C LEU A 221 10.78 11.22 -4.34
N PHE A 222 10.39 10.42 -5.32
CA PHE A 222 11.22 10.16 -6.54
C PHE A 222 10.61 10.84 -7.78
N ILE A 223 11.46 11.56 -8.52
CA ILE A 223 11.07 12.21 -9.76
C ILE A 223 12.04 11.82 -10.87
N ARG A 224 11.54 11.12 -11.90
CA ARG A 224 12.36 10.69 -13.05
C ARG A 224 13.60 9.89 -12.61
N ASN A 225 13.37 8.91 -11.73
CA ASN A 225 14.41 7.95 -11.32
C ASN A 225 14.13 6.58 -11.94
N ASP A 226 15.20 5.88 -12.35
CA ASP A 226 15.11 4.52 -12.88
C ASP A 226 16.24 3.70 -12.26
N GLY A 227 15.88 2.69 -11.50
CA GLY A 227 16.90 1.84 -10.88
C GLY A 227 17.68 0.94 -11.83
N GLY A 228 17.28 0.91 -13.10
CA GLY A 228 17.84 -0.03 -14.08
C GLY A 228 17.34 -1.44 -13.84
N ASP A 229 17.65 -2.39 -14.73
CA ASP A 229 17.38 -3.80 -14.36
C ASP A 229 18.09 -4.15 -13.02
N ASP A 230 19.15 -3.40 -12.72
CA ASP A 230 19.88 -3.46 -11.45
C ASP A 230 18.99 -3.28 -10.20
N HIS A 231 17.88 -2.55 -10.35
CA HIS A 231 17.06 -2.19 -9.18
C HIS A 231 17.88 -1.49 -8.11
N ASP A 232 18.72 -0.55 -8.56
CA ASP A 232 19.61 0.20 -7.68
C ASP A 232 18.96 1.56 -7.44
N GLY A 233 18.20 1.69 -6.34
CA GLY A 233 17.41 2.90 -6.04
C GLY A 233 16.17 2.51 -5.27
N GLY A 234 15.69 3.42 -4.42
CA GLY A 234 14.45 3.21 -3.67
C GLY A 234 14.58 3.46 -2.19
N VAL A 235 13.79 2.74 -1.39
CA VAL A 235 13.73 2.99 0.06
C VAL A 235 13.73 1.65 0.79
N ARG A 236 14.54 1.55 1.85
CA ARG A 236 14.58 0.33 2.67
C ARG A 236 14.61 0.67 4.15
N ASP A 237 13.81 -0.05 4.96
CA ASP A 237 13.88 0.06 6.46
C ASP A 237 13.59 1.46 6.95
N LEU A 238 12.46 2.03 6.51
CA LEU A 238 12.09 3.40 6.91
C LEU A 238 10.76 3.38 7.68
N ILE A 239 10.65 4.23 8.69
CA ILE A 239 9.33 4.54 9.33
C ILE A 239 8.93 5.92 8.81
N SER A 240 7.74 6.03 8.23
CA SER A 240 7.21 7.31 7.72
C SER A 240 6.02 7.65 8.61
N TYR A 241 6.13 8.74 9.38
CA TYR A 241 5.14 9.01 10.44
C TYR A 241 4.39 10.31 10.23
N ARG A 242 3.09 10.21 9.99
CA ARG A 242 2.20 11.41 9.89
C ARG A 242 2.62 12.46 8.85
N VAL A 243 3.11 11.96 7.72
CA VAL A 243 3.36 12.91 6.62
C VAL A 243 2.03 13.42 6.03
N GLY A 244 2.10 14.59 5.42
CA GLY A 244 0.89 15.23 4.86
C GLY A 244 0.42 14.63 3.53
N GLU A 245 1.29 13.87 2.85
N GLU A 245 1.30 13.92 2.82
CA GLU A 245 0.89 13.19 1.63
CA GLU A 245 0.89 13.20 1.60
C GLU A 245 1.01 11.67 1.84
C GLU A 245 1.02 11.69 1.84
N SER A 246 1.87 11.01 1.08
CA SER A 246 1.94 9.55 1.14
C SER A 246 3.23 9.03 1.79
N GLY A 247 3.19 7.83 2.33
CA GLY A 247 4.29 7.35 3.19
C GLY A 247 5.62 7.48 2.47
N VAL A 248 5.66 6.96 1.24
CA VAL A 248 6.69 7.30 0.25
C VAL A 248 5.93 7.44 -1.08
N LYS A 249 6.55 8.08 -2.07
CA LYS A 249 5.84 8.35 -3.33
C LYS A 249 6.75 8.35 -4.54
N THR A 250 6.27 7.74 -5.63
CA THR A 250 6.84 7.94 -6.95
C THR A 250 5.95 8.98 -7.65
N TYR A 251 6.53 10.06 -8.13
CA TYR A 251 5.76 11.12 -8.78
C TYR A 251 5.06 10.59 -10.04
N GLN A 252 3.90 11.20 -10.35
CA GLN A 252 3.12 10.89 -11.55
C GLN A 252 3.13 11.97 -12.61
N ASN A 253 2.95 11.58 -13.85
CA ASN A 253 2.77 12.51 -14.97
C ASN A 253 3.99 13.41 -15.19
N GLU A 254 3.82 14.69 -15.47
CA GLU A 254 4.91 15.59 -15.90
C GLU A 254 5.15 16.67 -14.85
N ILE A 255 6.38 17.18 -14.80
CA ILE A 255 6.71 18.45 -14.11
C ILE A 255 7.40 19.33 -15.12
N GLY A 256 6.90 20.55 -15.29
CA GLY A 256 7.55 21.54 -16.16
C GLY A 256 7.59 21.09 -17.62
N GLY A 257 6.74 20.12 -17.97
CA GLY A 257 6.73 19.59 -19.32
C GLY A 257 7.50 18.32 -19.63
N ARG A 258 8.10 17.69 -18.62
CA ARG A 258 8.79 16.39 -18.85
C ARG A 258 8.27 15.35 -17.89
N SER A 259 8.16 14.11 -18.35
CA SER A 259 7.71 13.02 -17.47
C SER A 259 8.58 12.93 -16.21
N ALA A 260 7.91 12.88 -15.06
CA ALA A 260 8.53 12.81 -13.75
C ALA A 260 8.39 11.42 -13.13
N ARG A 261 7.99 10.46 -13.95
CA ARG A 261 7.68 9.10 -13.53
C ARG A 261 8.94 8.32 -13.14
N ASN A 262 8.77 7.07 -12.72
CA ASN A 262 9.85 6.29 -12.13
C ASN A 262 9.73 4.82 -12.44
N TYR A 263 10.86 4.13 -12.49
CA TYR A 263 10.96 2.74 -12.92
C TYR A 263 11.93 1.94 -12.09
N ARG A 264 11.63 0.66 -11.92
CA ARG A 264 12.63 -0.29 -11.43
C ARG A 264 13.29 0.06 -10.09
N LEU A 265 12.48 0.48 -9.13
CA LEU A 265 12.98 0.79 -7.78
C LEU A 265 12.61 -0.37 -6.85
N VAL A 266 13.24 -0.38 -5.66
CA VAL A 266 12.91 -1.34 -4.60
C VAL A 266 12.42 -0.61 -3.38
N PHE A 267 11.26 -1.02 -2.87
CA PHE A 267 10.69 -0.50 -1.63
C PHE A 267 10.57 -1.71 -0.71
N ASP A 268 11.42 -1.74 0.32
CA ASP A 268 11.55 -2.91 1.20
C ASP A 268 11.48 -2.50 2.67
N ASN A 269 10.44 -2.93 3.38
CA ASN A 269 10.32 -2.68 4.81
C ASN A 269 10.08 -1.22 5.11
N ILE A 270 8.89 -0.77 4.74
CA ILE A 270 8.45 0.58 5.04
C ILE A 270 7.27 0.43 5.98
N THR A 271 7.31 1.16 7.09
CA THR A 271 6.23 1.24 8.07
C THR A 271 5.64 2.64 7.97
N THR A 272 4.37 2.75 7.57
CA THR A 272 3.75 4.07 7.43
C THR A 272 2.63 4.20 8.45
N ILE A 273 2.75 5.21 9.28
CA ILE A 273 1.76 5.44 10.35
C ILE A 273 1.01 6.75 10.12
N GLN A 274 -0.30 6.67 9.91
CA GLN A 274 -1.19 7.86 9.85
C GLN A 274 -0.74 8.94 8.87
N CYS A 275 -0.33 8.55 7.67
CA CYS A 275 -0.18 9.59 6.60
C CYS A 275 -1.58 10.06 6.15
N TYR A 276 -1.64 11.25 5.57
CA TYR A 276 -2.94 11.79 5.19
C TYR A 276 -3.43 11.28 3.84
N TYR A 277 -2.49 10.90 2.96
CA TYR A 277 -2.89 10.20 1.75
C TYR A 277 -2.54 8.69 1.87
N ASP A 278 -1.72 8.12 0.99
CA ASP A 278 -1.72 6.65 0.86
C ASP A 278 -0.49 6.05 1.53
N GLY A 279 -0.66 4.90 2.19
CA GLY A 279 0.47 4.31 2.95
C GLY A 279 1.75 4.22 2.14
N ILE A 280 1.64 3.74 0.90
CA ILE A 280 2.68 4.02 -0.10
C ILE A 280 1.91 4.41 -1.36
N ASP A 281 2.51 5.29 -2.18
CA ASP A 281 1.89 5.69 -3.47
C ASP A 281 2.93 5.39 -4.53
N VAL A 282 2.88 4.19 -5.09
CA VAL A 282 3.85 3.81 -6.12
C VAL A 282 3.11 3.79 -7.45
N ASN A 283 2.56 4.96 -7.83
CA ASN A 283 1.88 5.13 -9.10
C ASN A 283 2.72 5.96 -10.07
N ALA A 284 2.49 5.76 -11.37
CA ALA A 284 3.20 6.53 -12.41
C ALA A 284 2.26 7.41 -13.22
N ASP A 285 1.03 6.96 -13.49
CA ASP A 285 0.02 7.78 -14.16
C ASP A 285 -1.07 8.19 -13.17
N THR A 286 -1.64 9.37 -13.34
CA THR A 286 -2.75 9.80 -12.49
C THR A 286 -3.67 10.74 -13.27
N GLY A 287 -4.95 10.80 -12.89
CA GLY A 287 -5.90 11.71 -13.56
C GLY A 287 -6.23 11.23 -14.96
N SER A 288 -6.59 12.16 -15.85
CA SER A 288 -7.03 11.81 -17.21
C SER A 288 -5.86 11.60 -18.13
N PRO A 289 -5.95 10.61 -19.04
CA PRO A 289 -4.82 10.34 -19.95
C PRO A 289 -4.41 11.55 -20.79
N THR A 290 -3.10 11.81 -20.83
CA THR A 290 -2.49 12.85 -21.64
C THR A 290 -1.19 12.27 -22.16
N GLU A 291 -0.83 12.55 -23.40
CA GLU A 291 0.42 12.01 -23.96
C GLU A 291 1.61 12.27 -23.04
N ARG A 292 2.45 11.26 -22.91
CA ARG A 292 3.63 11.37 -22.06
C ARG A 292 4.77 12.03 -22.83
N VAL A 293 5.57 12.79 -22.09
CA VAL A 293 6.68 13.50 -22.71
C VAL A 293 8.00 12.91 -22.20
N ASP A 294 8.84 12.45 -23.14
CA ASP A 294 10.14 11.82 -22.84
C ASP A 294 9.91 10.57 -21.95
N ASP A 295 8.93 9.76 -22.36
CA ASP A 295 8.57 8.53 -21.68
C ASP A 295 7.83 7.71 -22.73
N TYR A 296 7.40 6.51 -22.38
CA TYR A 296 6.59 5.71 -23.31
C TYR A 296 5.30 6.42 -23.70
N THR A 297 4.94 6.32 -24.98
CA THR A 297 3.70 6.92 -25.48
C THR A 297 2.45 6.16 -25.01
N LEU A 298 1.29 6.80 -25.11
CA LEU A 298 0.01 6.13 -24.85
C LEU A 298 -0.17 4.91 -25.77
N ALA A 299 0.30 5.00 -27.01
CA ALA A 299 0.17 3.90 -27.93
C ALA A 299 1.04 2.70 -27.54
N GLU A 300 2.21 2.99 -26.96
CA GLU A 300 3.10 1.95 -26.45
C GLU A 300 2.54 1.26 -25.19
N TYR A 301 2.08 2.06 -24.22
CA TYR A 301 1.45 1.53 -23.00
C TYR A 301 0.30 2.42 -22.60
N PRO A 302 -0.92 1.83 -22.50
CA PRO A 302 -2.07 2.61 -22.04
C PRO A 302 -1.90 3.18 -20.67
N TRP A 303 -2.74 4.16 -20.37
CA TRP A 303 -2.74 4.80 -19.04
C TRP A 303 -2.84 3.73 -17.93
N PHE A 304 -2.02 3.89 -16.90
CA PHE A 304 -1.94 3.02 -15.71
C PHE A 304 -1.20 1.72 -15.99
N GLN A 305 -0.67 1.55 -17.20
CA GLN A 305 -0.06 0.26 -17.57
C GLN A 305 1.41 0.34 -18.00
N LEU A 306 2.12 1.35 -17.52
CA LEU A 306 3.56 1.42 -17.84
C LEU A 306 4.30 0.24 -17.23
N PRO A 307 5.37 -0.24 -17.88
CA PRO A 307 6.10 -1.37 -17.33
C PRO A 307 7.11 -0.94 -16.25
N THR A 308 6.57 -0.51 -15.12
CA THR A 308 7.41 0.05 -14.07
C THR A 308 8.33 -0.97 -13.41
N GLN A 309 7.91 -2.23 -13.28
CA GLN A 309 8.79 -3.31 -12.75
C GLN A 309 9.41 -2.94 -11.39
N HIS A 310 8.62 -2.33 -10.51
CA HIS A 310 9.09 -2.12 -9.15
C HIS A 310 9.01 -3.43 -8.36
N ILE A 311 9.81 -3.50 -7.30
CA ILE A 311 9.70 -4.52 -6.27
C ILE A 311 9.25 -3.85 -4.99
N ILE A 312 8.12 -4.33 -4.46
CA ILE A 312 7.55 -3.75 -3.25
C ILE A 312 7.39 -4.90 -2.26
N ARG A 313 8.05 -4.85 -1.11
CA ARG A 313 7.94 -5.96 -0.17
C ARG A 313 8.09 -5.56 1.29
N ASN A 314 7.43 -6.31 2.16
CA ASN A 314 7.57 -6.16 3.63
C ASN A 314 7.03 -4.81 4.12
N ILE A 315 5.88 -4.39 3.58
CA ILE A 315 5.32 -3.07 3.89
C ILE A 315 4.28 -3.27 4.98
N ILE A 316 4.19 -2.32 5.93
CA ILE A 316 3.09 -2.35 6.90
C ILE A 316 2.59 -0.91 7.08
N THR A 317 1.28 -0.69 7.02
CA THR A 317 0.74 0.67 7.20
C THR A 317 -0.41 0.64 8.16
N ARG A 318 -0.59 1.71 8.92
CA ARG A 318 -1.64 1.72 9.96
C ARG A 318 -2.37 3.05 10.00
N ASP A 319 -3.69 2.98 9.90
CA ASP A 319 -4.59 4.13 10.08
C ASP A 319 -4.25 5.31 9.12
N CYS A 320 -3.92 4.97 7.88
CA CYS A 320 -3.69 5.97 6.86
C CYS A 320 -5.01 6.48 6.32
N MET A 321 -5.11 7.79 6.10
CA MET A 321 -6.38 8.38 5.70
C MET A 321 -6.78 8.07 4.27
N GLY A 322 -5.79 7.75 3.43
CA GLY A 322 -6.00 7.35 2.04
C GLY A 322 -6.06 5.84 1.92
N ILE A 323 -5.47 5.34 0.83
CA ILE A 323 -5.44 3.91 0.55
C ILE A 323 -4.30 3.28 1.33
N GLY A 324 -4.51 2.06 1.84
CA GLY A 324 -3.51 1.45 2.71
C GLY A 324 -2.17 1.26 2.01
N ALA A 325 -2.18 0.85 0.75
CA ALA A 325 -0.95 0.70 -0.08
C ALA A 325 -1.47 0.53 -1.50
N TRP A 326 -0.87 1.25 -2.44
CA TRP A 326 -1.27 1.07 -3.84
C TRP A 326 -0.19 1.41 -4.85
N TRP A 327 -0.47 0.95 -6.07
CA TRP A 327 0.48 1.08 -7.20
C TRP A 327 -0.31 0.97 -8.49
N ASP A 328 0.31 1.42 -9.58
CA ASP A 328 -0.21 1.11 -10.94
C ASP A 328 0.93 0.47 -11.73
N GLY A 329 0.80 0.47 -13.05
CA GLY A 329 1.79 -0.09 -13.93
C GLY A 329 1.69 -1.61 -14.00
N GLN A 330 2.65 -2.21 -14.68
CA GLN A 330 2.67 -3.66 -14.84
C GLN A 330 4.04 -4.22 -14.64
N LYS A 331 4.09 -5.54 -14.48
CA LYS A 331 5.31 -6.31 -14.23
C LYS A 331 5.97 -5.92 -12.90
N ASN A 332 5.18 -5.36 -11.99
CA ASN A 332 5.65 -5.17 -10.61
C ASN A 332 5.56 -6.46 -9.83
N ILE A 333 6.41 -6.63 -8.82
CA ILE A 333 6.35 -7.76 -7.85
C ILE A 333 6.04 -7.18 -6.50
N ILE A 334 4.95 -7.62 -5.88
CA ILE A 334 4.52 -7.14 -4.57
C ILE A 334 4.40 -8.34 -3.67
N ASP A 335 5.13 -8.34 -2.56
CA ASP A 335 5.06 -9.47 -1.61
C ASP A 335 5.08 -8.98 -0.17
N ASN A 336 4.16 -9.49 0.65
CA ASN A 336 4.14 -9.19 2.08
C ASN A 336 3.80 -7.72 2.36
N VAL A 337 2.51 -7.42 2.23
CA VAL A 337 1.99 -6.09 2.52
C VAL A 337 0.88 -6.28 3.52
N VAL A 338 0.97 -5.55 4.64
CA VAL A 338 -0.04 -5.65 5.73
C VAL A 338 -0.59 -4.27 5.96
N THR A 339 -1.91 -4.08 5.85
CA THR A 339 -2.46 -2.77 6.17
C THR A 339 -3.58 -2.90 7.18
N TYR A 340 -3.57 -1.99 8.16
CA TYR A 340 -4.59 -1.90 9.20
C TYR A 340 -5.27 -0.53 9.10
N GLU A 341 -6.59 -0.52 9.27
CA GLU A 341 -7.35 0.76 9.48
C GLU A 341 -7.19 1.74 8.33
N ALA A 342 -6.94 1.27 7.10
CA ALA A 342 -6.97 2.22 5.95
C ALA A 342 -8.36 2.84 5.87
N HIS A 343 -8.42 4.17 5.67
CA HIS A 343 -9.74 4.82 5.59
C HIS A 343 -10.41 4.63 4.22
N LYS A 344 -9.60 4.45 3.18
CA LYS A 344 -10.11 4.08 1.85
C LYS A 344 -9.86 2.58 1.65
N GLU A 345 -9.59 2.15 0.41
CA GLU A 345 -9.28 0.73 0.21
C GLU A 345 -8.01 0.30 0.96
N GLY A 346 -7.94 -0.98 1.32
CA GLY A 346 -6.78 -1.49 2.05
C GLY A 346 -5.55 -1.75 1.20
N MET A 347 -5.79 -2.15 -0.04
CA MET A 347 -4.74 -2.50 -1.03
C MET A 347 -5.39 -2.28 -2.39
N PHE A 348 -4.68 -1.62 -3.30
CA PHE A 348 -5.29 -1.27 -4.59
C PHE A 348 -4.23 -1.41 -5.70
N ASP A 349 -4.56 -2.22 -6.71
CA ASP A 349 -3.75 -2.34 -7.94
C ASP A 349 -4.49 -1.64 -9.07
N ARG A 350 -3.97 -0.48 -9.45
CA ARG A 350 -4.60 0.36 -10.48
C ARG A 350 -4.06 0.00 -11.88
N GLY A 351 -3.08 -0.89 -11.91
CA GLY A 351 -2.45 -1.32 -13.16
C GLY A 351 -2.98 -2.65 -13.65
N THR A 352 -2.08 -3.47 -14.17
CA THR A 352 -2.46 -4.78 -14.69
C THR A 352 -1.22 -5.66 -14.72
N ASN A 353 -1.37 -6.98 -14.85
CA ASN A 353 -0.25 -7.87 -15.09
C ASN A 353 0.83 -7.69 -14.01
N ASN A 354 0.38 -7.66 -12.75
CA ASN A 354 1.28 -7.66 -11.58
C ASN A 354 1.16 -8.95 -10.81
N ASP A 355 2.21 -9.25 -10.06
CA ASP A 355 2.29 -10.45 -9.24
C ASP A 355 2.26 -10.05 -7.77
N ILE A 356 1.22 -10.51 -7.08
CA ILE A 356 0.85 -10.02 -5.74
C ILE A 356 0.72 -11.18 -4.80
N THR A 357 1.53 -11.17 -3.74
CA THR A 357 1.51 -12.29 -2.79
C THR A 357 1.55 -11.85 -1.35
N ASN A 358 0.91 -12.64 -0.49
CA ASN A 358 1.01 -12.45 0.97
C ASN A 358 0.54 -11.09 1.44
N ILE A 359 -0.71 -10.77 1.08
CA ILE A 359 -1.34 -9.52 1.45
C ILE A 359 -2.27 -9.77 2.62
N THR A 360 -2.24 -8.91 3.65
CA THR A 360 -3.12 -8.99 4.81
C THR A 360 -3.76 -7.62 4.97
N VAL A 361 -5.08 -7.53 4.85
CA VAL A 361 -5.80 -6.27 5.00
C VAL A 361 -6.79 -6.42 6.13
N VAL A 362 -6.71 -5.53 7.14
CA VAL A 362 -7.60 -5.56 8.29
C VAL A 362 -8.23 -4.20 8.45
N CYS A 363 -9.55 -4.22 8.56
CA CYS A 363 -10.33 -3.00 8.81
CA CYS A 363 -10.40 -3.04 8.73
C CYS A 363 -10.05 -1.86 7.81
N ALA A 364 -10.02 -2.16 6.52
CA ALA A 364 -9.99 -1.07 5.52
C ALA A 364 -11.40 -0.48 5.35
N ASN A 365 -11.53 0.52 4.48
CA ASN A 365 -12.82 1.21 4.36
C ASN A 365 -13.32 1.64 5.74
N LYS A 366 -12.38 2.16 6.55
CA LYS A 366 -12.69 2.47 7.93
C LYS A 366 -13.76 3.55 8.01
N ASP A 367 -13.85 4.39 6.98
CA ASP A 367 -14.87 5.44 7.05
C ASP A 367 -16.22 5.10 6.41
N LEU A 368 -16.41 3.82 6.06
CA LEU A 368 -17.73 3.32 5.64
C LEU A 368 -18.32 4.09 4.44
N THR A 369 -17.52 4.31 3.41
CA THR A 369 -17.94 4.98 2.20
C THR A 369 -18.11 4.00 1.05
N ASN A 370 -18.41 2.75 1.40
CA ASN A 370 -18.77 1.73 0.42
C ASN A 370 -17.64 1.32 -0.51
N LEU A 371 -16.43 1.38 0.03
CA LEU A 371 -15.24 0.98 -0.69
C LEU A 371 -14.88 -0.47 -0.34
N ASN A 372 -14.21 -1.13 -1.27
CA ASN A 372 -13.78 -2.52 -1.10
C ASN A 372 -12.47 -2.66 -0.30
N GLN A 373 -12.25 -3.83 0.29
CA GLN A 373 -11.02 -4.04 1.06
C GLN A 373 -9.80 -4.14 0.16
N ILE A 374 -9.89 -4.94 -0.89
CA ILE A 374 -8.82 -5.14 -1.85
C ILE A 374 -9.44 -4.96 -3.23
N VAL A 375 -8.80 -4.15 -4.05
CA VAL A 375 -9.23 -3.91 -5.44
C VAL A 375 -8.09 -4.13 -6.40
N CYS A 376 -8.36 -4.81 -7.52
CA CYS A 376 -7.44 -4.81 -8.66
C CYS A 376 -8.27 -4.47 -9.89
N GLU A 377 -7.75 -3.54 -10.68
CA GLU A 377 -8.45 -3.03 -11.85
C GLU A 377 -8.12 -3.81 -13.13
N GLY A 378 -7.02 -4.54 -13.13
CA GLY A 378 -6.54 -5.17 -14.38
C GLY A 378 -6.38 -6.65 -14.17
N GLY A 379 -5.55 -7.29 -14.97
CA GLY A 379 -5.42 -8.74 -14.85
C GLY A 379 -4.19 -9.09 -14.05
N SER A 380 -4.34 -9.10 -12.73
CA SER A 380 -3.22 -9.43 -11.84
C SER A 380 -3.36 -10.85 -11.27
N ARG A 381 -2.31 -11.32 -10.59
CA ARG A 381 -2.31 -12.69 -10.07
C ARG A 381 -2.06 -12.57 -8.57
N LEU A 382 -3.01 -13.03 -7.77
CA LEU A 382 -2.95 -12.86 -6.30
C LEU A 382 -2.84 -14.22 -5.64
N ARG A 383 -1.89 -14.36 -4.72
CA ARG A 383 -1.69 -15.66 -4.01
C ARG A 383 -1.43 -15.37 -2.55
N GLY A 384 -2.27 -15.92 -1.67
CA GLY A 384 -2.04 -15.75 -0.25
C GLY A 384 -2.60 -14.43 0.21
N ILE A 385 -3.91 -14.38 0.37
CA ILE A 385 -4.62 -13.15 0.67
C ILE A 385 -5.43 -13.38 1.95
N MET A 386 -5.29 -12.48 2.92
CA MET A 386 -6.12 -12.54 4.13
C MET A 386 -6.82 -11.20 4.29
N VAL A 387 -8.14 -11.22 4.40
CA VAL A 387 -8.92 -10.00 4.67
C VAL A 387 -9.70 -10.16 5.97
N HIS A 388 -9.75 -9.12 6.78
CA HIS A 388 -10.65 -9.10 7.94
C HIS A 388 -11.36 -7.78 7.95
N ALA A 389 -12.51 -7.71 7.29
CA ALA A 389 -13.29 -6.49 7.21
C ALA A 389 -14.08 -6.35 8.50
N TYR A 390 -14.21 -5.14 9.01
CA TYR A 390 -15.02 -4.87 10.22
C TYR A 390 -16.35 -4.24 9.82
N THR A 391 -16.66 -4.37 8.52
CA THR A 391 -17.93 -3.95 7.94
C THR A 391 -18.37 -4.95 6.88
N THR A 392 -19.69 -4.99 6.64
CA THR A 392 -20.29 -5.79 5.55
C THR A 392 -20.34 -5.04 4.22
N GLN A 393 -19.98 -3.76 4.19
CA GLN A 393 -19.95 -3.01 2.93
C GLN A 393 -19.01 -3.62 1.90
N GLY A 394 -19.45 -3.65 0.66
CA GLY A 394 -18.56 -3.97 -0.46
C GLY A 394 -18.05 -5.39 -0.49
N TYR A 395 -16.85 -5.55 -1.08
CA TYR A 395 -16.23 -6.87 -1.29
C TYR A 395 -14.95 -6.98 -0.48
N ALA A 396 -14.63 -8.20 -0.06
CA ALA A 396 -13.28 -8.47 0.46
C ALA A 396 -12.23 -8.37 -0.65
N VAL A 397 -12.51 -8.99 -1.79
CA VAL A 397 -11.65 -8.91 -2.97
C VAL A 397 -12.49 -8.58 -4.18
N TYR A 398 -12.22 -7.40 -4.75
CA TYR A 398 -12.91 -6.98 -5.97
C TYR A 398 -11.85 -6.89 -7.05
N ALA A 399 -11.79 -7.93 -7.88
CA ALA A 399 -10.68 -8.09 -8.82
C ALA A 399 -11.19 -8.84 -10.07
N PRO A 400 -12.14 -8.23 -10.79
CA PRO A 400 -12.92 -8.97 -11.78
C PRO A 400 -12.11 -9.69 -12.84
N SER A 401 -10.97 -9.12 -13.24
CA SER A 401 -10.15 -9.68 -14.30
C SER A 401 -8.93 -10.45 -13.79
N SER A 402 -8.87 -10.63 -12.47
CA SER A 402 -7.69 -11.26 -11.86
C SER A 402 -7.95 -12.69 -11.48
N GLU A 403 -6.88 -13.43 -11.19
CA GLU A 403 -7.01 -14.74 -10.57
C GLU A 403 -6.48 -14.71 -9.15
N VAL A 404 -7.07 -15.54 -8.29
CA VAL A 404 -6.78 -15.57 -6.87
CA VAL A 404 -6.72 -15.59 -6.88
C VAL A 404 -6.51 -17.01 -6.41
N SER A 405 -5.64 -17.16 -5.43
CA SER A 405 -5.41 -18.46 -4.77
CA SER A 405 -5.32 -18.46 -4.80
C SER A 405 -5.10 -18.23 -3.30
N ASN A 406 -5.51 -19.17 -2.45
CA ASN A 406 -5.25 -19.12 -1.00
C ASN A 406 -5.77 -17.85 -0.37
N VAL A 407 -7.08 -17.66 -0.45
CA VAL A 407 -7.75 -16.50 0.09
C VAL A 407 -8.55 -16.88 1.33
N SER A 408 -8.46 -16.05 2.35
CA SER A 408 -9.18 -16.23 3.60
C SER A 408 -9.84 -14.91 4.01
N CYS A 409 -11.14 -14.96 4.37
CA CYS A 409 -11.85 -13.78 4.84
C CYS A 409 -12.33 -14.01 6.24
N ALA A 410 -11.85 -13.22 7.19
CA ALA A 410 -12.08 -13.49 8.63
C ALA A 410 -13.29 -12.77 9.15
N GLY A 411 -13.69 -13.17 10.36
CA GLY A 411 -14.69 -12.43 11.13
C GLY A 411 -16.07 -12.49 10.51
N SER A 412 -16.83 -11.41 10.72
CA SER A 412 -18.22 -11.31 10.28
C SER A 412 -18.46 -10.19 9.27
N GLY A 413 -17.38 -9.58 8.78
CA GLY A 413 -17.48 -8.54 7.74
C GLY A 413 -17.69 -9.14 6.35
N THR A 414 -17.56 -8.33 5.30
CA THR A 414 -17.73 -8.85 3.94
C THR A 414 -16.69 -9.94 3.66
N LYS A 415 -17.17 -10.98 2.98
CA LYS A 415 -16.34 -12.11 2.56
CA LYS A 415 -16.34 -12.10 2.55
C LYS A 415 -16.48 -12.35 1.06
N LYS A 416 -17.04 -11.38 0.33
CA LYS A 416 -17.27 -11.54 -1.10
C LYS A 416 -16.00 -11.43 -1.92
N ILE A 417 -15.84 -12.38 -2.83
CA ILE A 417 -14.69 -12.46 -3.75
C ILE A 417 -15.24 -12.45 -5.19
N LEU A 418 -14.84 -11.43 -5.96
CA LEU A 418 -15.23 -11.32 -7.35
C LEU A 418 -13.97 -11.34 -8.21
N CYS A 419 -13.83 -12.37 -9.04
CA CYS A 419 -12.63 -12.50 -9.88
C CYS A 419 -12.88 -13.44 -11.02
N THR A 420 -11.86 -13.66 -11.85
CA THR A 420 -12.05 -14.51 -13.02
C THR A 420 -11.85 -15.99 -12.69
N TYR A 421 -10.91 -16.26 -11.81
CA TYR A 421 -10.56 -17.64 -11.48
C TYR A 421 -10.16 -17.72 -10.00
N VAL A 422 -10.70 -18.71 -9.31
N VAL A 422 -10.72 -18.67 -9.27
CA VAL A 422 -10.38 -19.01 -7.92
CA VAL A 422 -10.22 -18.93 -7.92
C VAL A 422 -9.72 -20.40 -7.92
C VAL A 422 -9.73 -20.36 -7.89
N ALA A 423 -8.51 -20.50 -7.38
CA ALA A 423 -7.75 -21.75 -7.41
C ALA A 423 -8.26 -22.83 -6.47
N ASP A 424 -7.85 -24.05 -6.75
CA ASP A 424 -8.21 -25.21 -5.96
C ASP A 424 -7.72 -25.10 -4.50
N ILE A 425 -8.48 -25.71 -3.59
CA ILE A 425 -8.03 -26.03 -2.24
C ILE A 425 -7.49 -27.46 -2.22
N GLN A 426 -6.29 -27.63 -1.67
CA GLN A 426 -5.62 -28.95 -1.54
C GLN A 426 -5.18 -29.20 -0.11
N GLY A 427 -5.07 -30.47 0.24
CA GLY A 427 -4.71 -30.87 1.61
C GLY A 427 -5.17 -32.30 1.87
N GLY A 428 -5.22 -32.65 3.14
CA GLY A 428 -5.57 -34.02 3.56
C GLY A 428 -6.99 -34.15 4.10
N ASN A 429 -7.15 -34.82 5.23
CA ASN A 429 -8.48 -34.92 5.84
C ASN A 429 -8.99 -33.52 6.14
N ILE A 430 -10.30 -33.34 6.08
CA ILE A 430 -10.90 -32.05 6.36
C ILE A 430 -11.62 -32.14 7.71
N ASN A 431 -11.28 -31.26 8.65
CA ASN A 431 -11.83 -31.26 9.99
C ASN A 431 -12.25 -29.84 10.35
N VAL A 432 -13.52 -29.54 10.14
CA VAL A 432 -14.03 -28.19 10.36
C VAL A 432 -14.93 -28.16 11.58
N GLN A 433 -15.03 -26.99 12.19
CA GLN A 433 -15.78 -26.82 13.41
C GLN A 433 -16.44 -25.44 13.43
N HIS A 434 -17.47 -25.29 14.22
CA HIS A 434 -18.16 -23.99 14.34
C HIS A 434 -18.85 -23.82 15.68
N GLY A 435 -18.91 -22.58 16.18
CA GLY A 435 -19.66 -22.27 17.41
C GLY A 435 -21.17 -22.43 17.26
N GLU A 436 -21.70 -22.09 16.09
CA GLU A 436 -23.15 -22.23 15.82
CA GLU A 436 -23.15 -22.23 15.84
C GLU A 436 -23.56 -23.71 15.80
N ASN A 437 -24.85 -23.96 16.03
CA ASN A 437 -25.34 -25.34 16.07
C ASN A 437 -25.37 -26.08 14.75
N ALA A 438 -25.40 -25.35 13.64
CA ALA A 438 -25.33 -25.95 12.33
C ALA A 438 -24.18 -25.35 11.57
N MET A 439 -23.59 -26.12 10.67
CA MET A 439 -22.55 -25.58 9.80
C MET A 439 -22.66 -26.25 8.44
N THR A 440 -22.00 -25.65 7.43
CA THR A 440 -22.25 -26.01 6.05
C THR A 440 -21.00 -26.10 5.18
N LEU A 441 -21.08 -26.96 4.16
CA LEU A 441 -20.26 -26.86 2.95
C LEU A 441 -21.18 -26.39 1.83
N SER A 442 -20.84 -25.24 1.23
CA SER A 442 -21.63 -24.71 0.11
C SER A 442 -20.73 -24.61 -1.11
N MET A 443 -21.28 -24.91 -2.28
CA MET A 443 -20.53 -24.82 -3.54
C MET A 443 -21.31 -23.97 -4.52
N ARG A 444 -20.64 -22.93 -5.03
CA ARG A 444 -21.28 -21.94 -5.93
C ARG A 444 -20.50 -21.86 -7.26
N PRO A 445 -20.68 -22.89 -8.13
CA PRO A 445 -20.21 -22.77 -9.52
C PRO A 445 -21.01 -21.73 -10.31
N ALA A 446 -20.58 -21.46 -11.54
CA ALA A 446 -21.15 -20.34 -12.31
C ALA A 446 -21.12 -19.06 -11.47
N MET A 447 -19.97 -18.77 -10.87
CA MET A 447 -19.90 -17.72 -9.84
C MET A 447 -20.14 -16.33 -10.41
N GLY A 448 -19.90 -16.16 -11.72
CA GLY A 448 -20.17 -14.87 -12.37
C GLY A 448 -21.66 -14.55 -12.48
N GLY A 449 -22.50 -15.58 -12.44
CA GLY A 449 -23.93 -15.38 -12.73
C GLY A 449 -24.88 -16.01 -11.73
N THR A 450 -24.37 -16.38 -10.56
CA THR A 450 -25.24 -16.91 -9.51
C THR A 450 -25.09 -16.12 -8.22
N ILE A 451 -26.15 -16.06 -7.42
CA ILE A 451 -26.14 -15.52 -6.07
C ILE A 451 -26.09 -16.69 -5.06
N ASN A 452 -26.88 -17.75 -5.32
CA ASN A 452 -27.04 -18.86 -4.39
C ASN A 452 -26.22 -20.08 -4.78
N PRO A 453 -25.83 -20.89 -3.79
CA PRO A 453 -25.01 -22.08 -4.08
C PRO A 453 -25.79 -23.18 -4.81
N SER A 454 -25.10 -23.96 -5.65
CA SER A 454 -25.73 -25.07 -6.34
C SER A 454 -25.82 -26.32 -5.44
N LEU A 455 -25.04 -26.35 -4.35
CA LEU A 455 -25.02 -27.49 -3.44
C LEU A 455 -24.83 -26.98 -2.03
N VAL A 456 -25.62 -27.46 -1.07
CA VAL A 456 -25.37 -27.21 0.34
C VAL A 456 -25.46 -28.52 1.11
N LEU A 457 -24.37 -28.87 1.80
CA LEU A 457 -24.30 -30.01 2.71
C LEU A 457 -24.28 -29.47 4.15
N THR A 458 -25.22 -29.89 4.99
CA THR A 458 -25.39 -29.31 6.32
C THR A 458 -25.19 -30.35 7.41
N ALA A 459 -24.43 -30.00 8.44
CA ALA A 459 -24.31 -30.77 9.68
C ALA A 459 -25.08 -29.96 10.72
N ASP A 460 -26.17 -30.51 11.26
CA ASP A 460 -27.00 -29.73 12.17
C ASP A 460 -27.06 -30.44 13.52
N CYS A 461 -26.38 -29.87 14.53
CA CYS A 461 -26.32 -30.51 15.85
C CYS A 461 -27.56 -30.21 16.65
N GLN A 462 -28.30 -31.27 16.98
CA GLN A 462 -29.54 -31.18 17.73
C GLN A 462 -29.36 -31.37 19.23
N VAL A 463 -28.38 -32.19 19.62
CA VAL A 463 -28.01 -32.34 21.05
C VAL A 463 -26.49 -32.15 21.15
N ALA A 464 -26.07 -31.11 21.87
CA ALA A 464 -24.65 -30.77 22.02
C ALA A 464 -24.25 -31.16 23.42
N SER A 465 -24.11 -32.46 23.66
CA SER A 465 -23.64 -32.95 24.95
C SER A 465 -22.44 -33.81 24.64
N PRO A 466 -21.31 -33.53 25.28
CA PRO A 466 -20.10 -34.26 24.92
C PRO A 466 -20.26 -35.78 25.12
N GLY A 467 -19.96 -36.53 24.07
CA GLY A 467 -20.11 -37.98 24.05
C GLY A 467 -21.55 -38.47 23.93
N ASN A 468 -22.49 -37.53 23.84
CA ASN A 468 -23.91 -37.85 23.70
C ASN A 468 -24.58 -36.99 22.63
N GLU A 469 -23.83 -36.69 21.56
CA GLU A 469 -24.26 -35.80 20.51
C GLU A 469 -25.37 -36.41 19.62
N ALA A 470 -26.25 -35.56 19.13
CA ALA A 470 -27.26 -35.95 18.13
C ALA A 470 -27.25 -34.90 17.03
N SER A 471 -27.41 -35.38 15.79
CA SER A 471 -27.40 -34.51 14.63
C SER A 471 -28.33 -34.98 13.51
N ILE A 472 -28.59 -34.04 12.60
CA ILE A 472 -29.24 -34.32 11.32
C ILE A 472 -28.26 -33.92 10.22
N VAL A 473 -28.10 -34.78 9.20
CA VAL A 473 -27.28 -34.45 8.03
C VAL A 473 -28.22 -34.15 6.86
N LYS A 474 -27.92 -33.13 6.06
CA LYS A 474 -28.78 -32.71 4.96
C LYS A 474 -27.94 -32.43 3.74
N LEU A 475 -28.52 -32.65 2.56
CA LEU A 475 -27.85 -32.32 1.30
C LEU A 475 -28.90 -31.92 0.29
N SER A 476 -28.74 -30.76 -0.37
CA SER A 476 -29.79 -30.26 -1.26
C SER A 476 -29.24 -29.56 -2.50
N ALA A 477 -30.00 -29.65 -3.58
CA ALA A 477 -29.78 -28.91 -4.81
C ALA A 477 -30.63 -27.62 -4.79
N ILE A 478 -30.72 -26.95 -5.93
CA ILE A 478 -31.50 -25.71 -6.05
C ILE A 478 -32.31 -25.76 -7.36
N GLN A 479 -33.46 -25.10 -7.35
CA GLN A 479 -34.33 -25.00 -8.54
C GLN A 479 -35.17 -23.72 -8.43
N ASP A 480 -35.16 -22.87 -9.48
CA ASP A 480 -35.86 -21.58 -9.42
C ASP A 480 -35.43 -20.79 -8.19
N GLY A 481 -34.16 -20.89 -7.82
CA GLY A 481 -33.63 -20.08 -6.74
C GLY A 481 -33.95 -20.57 -5.34
N ALA A 482 -34.69 -21.67 -5.23
CA ALA A 482 -35.06 -22.25 -3.95
C ALA A 482 -34.43 -23.63 -3.73
N ARG A 483 -34.04 -23.93 -2.49
CA ARG A 483 -33.43 -25.25 -2.25
C ARG A 483 -34.45 -26.37 -2.45
N VAL A 484 -34.01 -27.46 -3.08
CA VAL A 484 -34.92 -28.56 -3.44
C VAL A 484 -34.20 -29.91 -3.36
N GLY A 485 -34.96 -30.99 -3.47
CA GLY A 485 -34.36 -32.32 -3.58
C GLY A 485 -33.52 -32.69 -2.37
N GLU A 486 -34.02 -32.40 -1.17
CA GLU A 486 -33.17 -32.50 0.00
C GLU A 486 -33.23 -33.88 0.58
N LEU A 487 -32.06 -34.54 0.62
CA LEU A 487 -31.97 -35.74 1.42
C LEU A 487 -31.63 -35.37 2.84
N GLN A 488 -32.13 -36.15 3.78
CA GLN A 488 -31.71 -35.99 5.17
C GLN A 488 -31.39 -37.33 5.78
N LEU A 489 -30.53 -37.32 6.80
CA LEU A 489 -30.24 -38.52 7.60
CA LEU A 489 -30.22 -38.52 7.60
C LEU A 489 -30.49 -38.23 9.07
N ASN A 490 -31.20 -39.14 9.74
CA ASN A 490 -31.44 -39.09 11.20
C ASN A 490 -32.39 -37.96 11.66
N ARG A 491 -33.36 -37.55 10.84
CA ARG A 491 -34.30 -36.55 11.33
C ARG A 491 -35.04 -37.09 12.57
N LEU A 492 -35.06 -36.29 13.62
CA LEU A 492 -35.70 -36.62 14.91
C LEU A 492 -35.15 -37.87 15.61
N GLY A 493 -33.96 -38.29 15.21
CA GLY A 493 -33.27 -39.38 15.88
C GLY A 493 -33.74 -40.76 15.44
N PHE A 494 -34.43 -40.84 14.30
CA PHE A 494 -34.93 -42.14 13.83
C PHE A 494 -33.97 -42.92 12.92
N LYS A 495 -32.78 -42.35 12.67
CA LYS A 495 -31.69 -43.11 12.04
C LYS A 495 -31.99 -43.52 10.59
N HIS A 496 -32.91 -42.81 9.95
CA HIS A 496 -33.36 -43.21 8.61
C HIS A 496 -32.93 -42.16 7.59
N MET A 497 -32.94 -42.54 6.32
CA MET A 497 -32.84 -41.56 5.24
C MET A 497 -34.22 -41.02 4.85
N SER A 498 -34.38 -39.69 4.83
CA SER A 498 -35.52 -39.07 4.15
C SER A 498 -35.17 -38.86 2.70
N ILE A 499 -36.00 -39.41 1.82
CA ILE A 499 -35.71 -39.48 0.39
C ILE A 499 -36.66 -38.52 -0.36
N PRO A 500 -36.11 -37.55 -1.12
CA PRO A 500 -36.99 -36.66 -1.91
C PRO A 500 -37.49 -37.41 -3.13
N VAL A 501 -38.79 -37.24 -3.42
CA VAL A 501 -39.39 -37.91 -4.57
C VAL A 501 -40.07 -36.91 -5.47
N ALA A 502 -40.18 -37.23 -6.74
CA ALA A 502 -40.81 -36.28 -7.68
C ALA A 502 -42.29 -36.09 -7.38
N GLU A 503 -42.76 -34.86 -7.61
CA GLU A 503 -44.14 -34.49 -7.33
C GLU A 503 -45.15 -34.95 -8.39
N SER A 504 -44.65 -35.35 -9.56
CA SER A 504 -45.50 -35.74 -10.68
C SER A 504 -44.68 -36.71 -11.52
N GLN A 505 -45.28 -37.18 -12.61
CA GLN A 505 -44.64 -38.16 -13.50
C GLN A 505 -43.16 -37.84 -13.83
N LEU A 506 -42.28 -38.79 -13.49
CA LEU A 506 -40.88 -38.70 -13.84
C LEU A 506 -40.68 -39.17 -15.28
N PRO A 507 -40.03 -38.34 -16.12
CA PRO A 507 -39.72 -38.82 -17.47
C PRO A 507 -38.47 -39.72 -17.46
N GLU A 508 -38.35 -40.54 -18.50
CA GLU A 508 -37.20 -41.45 -18.65
C GLU A 508 -35.86 -40.69 -18.63
N SER A 509 -35.84 -39.47 -19.18
CA SER A 509 -34.63 -38.64 -19.20
C SER A 509 -34.15 -38.24 -17.77
N ALA A 510 -35.03 -38.36 -16.76
CA ALA A 510 -34.69 -37.95 -15.39
C ALA A 510 -33.93 -39.01 -14.58
N LEU A 511 -33.59 -40.12 -15.23
CA LEU A 511 -32.64 -41.12 -14.67
C LEU A 511 -31.48 -41.27 -15.64
N GLU A 512 -30.30 -40.80 -15.24
CA GLU A 512 -29.18 -40.76 -16.18
C GLU A 512 -28.61 -42.14 -16.46
N PHE A 513 -28.39 -42.91 -15.38
CA PHE A 513 -27.59 -44.11 -15.52
C PHE A 513 -28.41 -45.38 -15.49
N ASN A 514 -27.96 -46.34 -16.30
CA ASN A 514 -28.52 -47.72 -16.22
C ASN A 514 -28.47 -48.24 -14.78
N SER A 515 -29.46 -49.06 -14.41
CA SER A 515 -29.54 -49.68 -13.09
C SER A 515 -29.73 -48.63 -11.99
N SER A 516 -30.76 -47.83 -12.16
CA SER A 516 -31.12 -46.80 -11.17
C SER A 516 -32.63 -46.61 -11.11
N ILE A 517 -33.14 -46.05 -10.01
CA ILE A 517 -34.58 -45.81 -9.81
C ILE A 517 -34.86 -44.41 -9.29
N GLY A 518 -36.09 -43.95 -9.48
CA GLY A 518 -36.53 -42.69 -8.86
C GLY A 518 -37.99 -42.86 -8.48
N PHE A 519 -38.36 -42.36 -7.30
CA PHE A 519 -39.74 -42.38 -6.88
C PHE A 519 -40.49 -41.14 -7.36
N PHE A 520 -41.79 -41.30 -7.60
CA PHE A 520 -42.62 -40.17 -7.96
C PHE A 520 -44.07 -40.42 -7.60
N PHE A 521 -44.81 -39.33 -7.49
CA PHE A 521 -46.27 -39.39 -7.31
C PHE A 521 -47.03 -39.23 -8.63
N GLY A 522 -47.98 -40.13 -8.85
CA GLY A 522 -48.86 -40.13 -10.03
C GLY A 522 -49.97 -39.10 -9.90
N THR A 523 -50.87 -39.06 -10.89
CA THR A 523 -51.89 -38.00 -10.96
C THR A 523 -52.94 -38.04 -9.86
N ASP A 524 -53.10 -39.21 -9.25
CA ASP A 524 -53.94 -39.34 -8.07
C ASP A 524 -53.12 -39.64 -6.82
N ASP A 525 -51.90 -39.08 -6.74
CA ASP A 525 -51.02 -39.25 -5.59
C ASP A 525 -50.52 -40.68 -5.34
N GLU A 526 -50.61 -41.57 -6.33
CA GLU A 526 -50.11 -42.95 -6.21
C GLU A 526 -48.57 -42.91 -6.20
N LEU A 527 -47.94 -43.51 -5.17
CA LEU A 527 -46.48 -43.61 -5.16
C LEU A 527 -46.02 -44.72 -6.11
N ARG A 528 -45.04 -44.37 -6.96
CA ARG A 528 -44.54 -45.26 -8.00
C ARG A 528 -43.03 -45.15 -8.09
N ILE A 529 -42.45 -46.17 -8.72
CA ILE A 529 -41.01 -46.20 -8.95
C ILE A 529 -40.79 -46.28 -10.45
N LEU A 530 -40.05 -45.32 -11.01
CA LEU A 530 -39.53 -45.49 -12.37
C LEU A 530 -38.20 -46.22 -12.26
N ALA A 531 -38.05 -47.34 -12.97
CA ALA A 531 -36.80 -48.12 -12.91
C ALA A 531 -36.13 -48.15 -14.25
N LYS A 532 -34.86 -47.72 -14.29
CA LYS A 532 -34.04 -47.84 -15.48
C LYS A 532 -33.19 -49.10 -15.31
N LYS A 533 -33.53 -50.15 -16.05
CA LYS A 533 -32.89 -51.46 -15.91
C LYS A 533 -31.42 -51.45 -16.33
N PRO A 534 -30.68 -52.54 -16.06
CA PRO A 534 -29.27 -52.62 -16.46
C PRO A 534 -29.04 -52.47 -17.97
N ASP A 535 -30.05 -52.82 -18.78
CA ASP A 535 -29.92 -52.70 -20.23
C ASP A 535 -30.40 -51.34 -20.76
N GLY A 536 -30.80 -50.42 -19.87
CA GLY A 536 -31.22 -49.07 -20.29
C GLY A 536 -32.71 -48.91 -20.59
N THR A 537 -33.44 -50.02 -20.64
CA THR A 537 -34.90 -49.94 -20.81
C THR A 537 -35.59 -49.66 -19.48
N PHE A 538 -36.88 -49.33 -19.54
CA PHE A 538 -37.61 -48.84 -18.38
C PHE A 538 -38.86 -49.65 -18.06
N VAL A 539 -39.16 -49.73 -16.75
CA VAL A 539 -40.43 -50.24 -16.25
C VAL A 539 -40.86 -49.39 -15.07
N THR A 540 -42.17 -49.35 -14.83
CA THR A 540 -42.70 -48.59 -13.72
C THR A 540 -43.41 -49.55 -12.77
N TYR A 541 -43.07 -49.46 -11.49
CA TYR A 541 -43.76 -50.21 -10.43
C TYR A 541 -44.73 -49.33 -9.70
N SER A 542 -45.94 -49.84 -9.46
CA SER A 542 -46.89 -49.14 -8.61
C SER A 542 -46.88 -49.83 -7.26
N LEU A 543 -46.93 -49.07 -6.19
CA LEU A 543 -46.89 -49.70 -4.86
C LEU A 543 -48.30 -49.92 -4.36
C1 GOL B . 13.12 26.52 -10.56
O1 GOL B . 13.88 27.53 -9.88
C2 GOL B . 13.45 25.12 -10.05
O2 GOL B . 13.48 25.14 -8.62
C3 GOL B . 12.33 24.15 -10.51
O3 GOL B . 12.76 22.76 -10.37
#